data_4OH5
#
_entry.id   4OH5
#
_cell.length_a   55.230
_cell.length_b   65.660
_cell.length_c   70.365
_cell.angle_alpha   90.00
_cell.angle_beta   90.00
_cell.angle_gamma   90.00
#
_symmetry.space_group_name_H-M   'P 21 21 21'
#
loop_
_entity.id
_entity.type
_entity.pdbx_description
1 polymer 'Androgen receptor'
2 polymer 'co-regulator peptide'
3 non-polymer HYDROXYFLUTAMIDE
4 non-polymer 'SULFATE ION'
5 water water
#
loop_
_entity_poly.entity_id
_entity_poly.type
_entity_poly.pdbx_seq_one_letter_code
_entity_poly.pdbx_strand_id
1 'polypeptide(L)'
;QPIFLNVLEAIEPGVVCAGHDNNQPDSFAALLSSLNELGERQLVHVVKWAKALPGFRNLHVDDQMAVIQYSWMGLMVFAM
GWRSFTNVNSAMLYFAPDLVFNEYRMHKSRMYSQCVRMRHLSQEFGWLQITPQEFLCMKALLLFSIIPVDGLKNQKFFDE
LRMNYIKELDRIIACKRKNPTSCSRRFYQLTKLLDSVQPIARELHQFAFDLLIKSHMVSVDFPEMMAEIISVQVPKILSG
KVKPIYFHTQ
;
A
2 'polypeptide(L)' RGAFQNLFQSV B
#
# COMPACT_ATOMS: atom_id res chain seq x y z
N PRO A 2 -22.56 11.60 -7.12
CA PRO A 2 -22.14 10.68 -6.08
C PRO A 2 -21.02 11.33 -5.25
N ILE A 3 -21.39 11.98 -4.15
CA ILE A 3 -20.48 12.77 -3.35
C ILE A 3 -19.23 11.97 -2.98
N PHE A 4 -19.40 10.69 -2.67
CA PHE A 4 -18.29 9.93 -2.10
C PHE A 4 -17.20 9.65 -3.16
N LEU A 5 -17.64 9.25 -4.36
CA LEU A 5 -16.74 8.97 -5.44
C LEU A 5 -16.07 10.25 -5.93
N ASN A 6 -16.79 11.36 -5.81
CA ASN A 6 -16.26 12.67 -6.20
C ASN A 6 -15.02 12.93 -5.40
N VAL A 7 -15.15 12.76 -4.09
CA VAL A 7 -14.04 13.02 -3.19
C VAL A 7 -12.81 12.16 -3.44
N LEU A 8 -13.00 10.87 -3.52
CA LEU A 8 -11.91 9.92 -3.78
C LEU A 8 -11.17 10.26 -5.07
N GLU A 9 -11.94 10.61 -6.08
CA GLU A 9 -11.34 10.96 -7.38
C GLU A 9 -10.54 12.26 -7.19
N ALA A 10 -11.09 13.20 -6.43
CA ALA A 10 -10.43 14.52 -6.23
C ALA A 10 -9.14 14.44 -5.47
N ILE A 11 -9.08 13.56 -4.46
CA ILE A 11 -7.89 13.44 -3.64
C ILE A 11 -6.83 12.44 -4.14
N GLU A 12 -7.10 11.70 -5.22
CA GLU A 12 -6.18 10.61 -5.64
C GLU A 12 -4.80 11.21 -6.00
N PRO A 13 -3.72 10.78 -5.32
CA PRO A 13 -2.37 11.28 -5.70
C PRO A 13 -2.07 11.16 -7.19
N GLY A 14 -1.26 12.07 -7.71
CA GLY A 14 -0.77 11.95 -9.04
C GLY A 14 0.54 11.17 -9.07
N VAL A 15 1.34 11.44 -10.10
CA VAL A 15 2.53 10.68 -10.43
C VAL A 15 3.62 10.90 -9.39
N VAL A 16 4.31 9.85 -9.00
CA VAL A 16 5.42 10.03 -8.09
C VAL A 16 6.61 9.27 -8.70
N CYS A 17 7.73 9.97 -8.83
CA CYS A 17 8.97 9.44 -9.39
C CYS A 17 9.88 9.01 -8.27
N ALA A 18 10.70 8.02 -8.57
CA ALA A 18 11.64 7.50 -7.63
C ALA A 18 12.92 8.31 -7.62
N GLY A 19 13.26 9.05 -8.69
CA GLY A 19 14.63 9.64 -8.83
C GLY A 19 15.73 8.61 -9.12
N HIS A 20 15.36 7.48 -9.73
CA HIS A 20 16.35 6.44 -10.09
C HIS A 20 17.31 6.84 -11.25
N ASP A 21 18.62 6.51 -11.15
CA ASP A 21 19.49 6.74 -12.31
C ASP A 21 19.35 5.55 -13.27
N ASN A 22 18.60 5.74 -14.32
CA ASN A 22 18.42 4.71 -15.32
C ASN A 22 19.58 4.56 -16.31
N ASN A 23 20.58 5.40 -16.22
CA ASN A 23 21.69 5.42 -17.20
C ASN A 23 22.86 4.59 -16.70
N GLN A 24 22.58 3.87 -15.62
CA GLN A 24 23.56 3.33 -14.72
C GLN A 24 23.20 1.84 -14.52
N PRO A 25 24.21 0.96 -14.38
CA PRO A 25 23.98 -0.46 -14.09
C PRO A 25 22.93 -0.82 -13.05
N ASP A 26 22.12 -1.85 -13.33
CA ASP A 26 21.12 -2.37 -12.38
C ASP A 26 21.72 -3.06 -11.12
N SER A 27 22.35 -2.26 -10.27
CA SER A 27 22.85 -2.69 -8.96
C SER A 27 21.73 -3.04 -7.96
N PHE A 28 21.94 -4.08 -7.15
CA PHE A 28 20.99 -4.40 -6.09
C PHE A 28 20.84 -3.20 -5.16
N ALA A 29 21.95 -2.59 -4.81
CA ALA A 29 21.93 -1.45 -3.92
C ALA A 29 21.31 -0.24 -4.57
N ALA A 30 21.52 -0.05 -5.87
CA ALA A 30 20.95 1.10 -6.54
C ALA A 30 19.45 0.88 -6.66
N LEU A 31 19.05 -0.32 -7.01
CA LEU A 31 17.62 -0.52 -7.18
C LEU A 31 16.87 -0.32 -5.83
N LEU A 32 17.40 -0.92 -4.77
CA LEU A 32 16.74 -0.84 -3.50
C LEU A 32 16.85 0.50 -2.80
N SER A 33 17.99 1.18 -2.90
CA SER A 33 18.06 2.57 -2.51
C SER A 33 16.98 3.43 -3.18
N SER A 34 16.69 3.19 -4.47
CA SER A 34 15.64 3.89 -5.15
C SER A 34 14.25 3.44 -4.69
N LEU A 35 14.04 2.15 -4.45
CA LEU A 35 12.71 1.72 -3.90
C LEU A 35 12.47 2.33 -2.57
N ASN A 36 13.54 2.52 -1.77
CA ASN A 36 13.43 3.02 -0.41
C ASN A 36 13.10 4.51 -0.51
N GLU A 37 13.83 5.24 -1.33
CA GLU A 37 13.47 6.66 -1.64
C GLU A 37 12.01 6.81 -2.19
N LEU A 38 11.61 5.94 -3.11
CA LEU A 38 10.24 5.97 -3.64
C LEU A 38 9.25 5.66 -2.55
N GLY A 39 9.60 4.72 -1.67
CA GLY A 39 8.72 4.42 -0.50
C GLY A 39 8.45 5.70 0.31
N GLU A 40 9.51 6.47 0.56
CA GLU A 40 9.38 7.69 1.35
C GLU A 40 8.49 8.68 0.64
N ARG A 41 8.75 8.88 -0.65
CA ARG A 41 7.96 9.78 -1.44
C ARG A 41 6.48 9.43 -1.46
N GLN A 42 6.17 8.16 -1.66
CA GLN A 42 4.80 7.72 -1.69
CA GLN A 42 4.80 7.68 -1.68
C GLN A 42 4.14 7.78 -0.32
N LEU A 43 4.88 7.57 0.75
CA LEU A 43 4.28 7.69 2.08
C LEU A 43 3.81 9.17 2.37
N VAL A 44 4.58 10.13 1.94
CA VAL A 44 4.16 11.54 2.04
C VAL A 44 2.83 11.73 1.34
N HIS A 45 2.72 11.23 0.11
CA HIS A 45 1.42 11.29 -0.62
C HIS A 45 0.31 10.49 0.04
N VAL A 46 0.64 9.36 0.61
CA VAL A 46 -0.39 8.55 1.31
C VAL A 46 -0.97 9.32 2.51
N VAL A 47 -0.09 9.94 3.29
CA VAL A 47 -0.49 10.79 4.41
C VAL A 47 -1.43 11.90 3.92
N LYS A 48 -1.01 12.65 2.93
CA LYS A 48 -1.88 13.79 2.47
C LYS A 48 -3.24 13.36 1.91
N TRP A 49 -3.23 12.24 1.22
CA TRP A 49 -4.44 11.55 0.81
C TRP A 49 -5.34 11.10 1.97
N ALA A 50 -4.81 10.27 2.86
CA ALA A 50 -5.54 9.72 3.99
C ALA A 50 -6.22 10.79 4.85
N LYS A 51 -5.47 11.84 5.20
CA LYS A 51 -6.00 12.99 5.94
C LYS A 51 -7.18 13.69 5.23
N ALA A 52 -7.25 13.57 3.93
CA ALA A 52 -8.32 14.13 3.18
C ALA A 52 -9.52 13.25 2.95
N LEU A 53 -9.54 12.03 3.49
CA LEU A 53 -10.57 11.10 3.18
C LEU A 53 -11.86 11.40 3.95
N PRO A 54 -13.01 11.02 3.37
CA PRO A 54 -14.24 11.29 4.12
C PRO A 54 -14.26 10.57 5.46
N GLY A 55 -14.48 11.34 6.51
CA GLY A 55 -14.69 10.84 7.86
C GLY A 55 -13.40 10.56 8.61
N PHE A 56 -12.26 10.81 7.97
CA PHE A 56 -10.99 10.45 8.57
C PHE A 56 -10.74 11.15 9.89
N ARG A 57 -11.18 12.39 9.97
CA ARG A 57 -11.10 13.13 11.21
C ARG A 57 -12.08 12.67 12.31
N ASN A 58 -13.00 11.77 12.02
CA ASN A 58 -13.76 11.14 13.09
C ASN A 58 -12.82 10.34 13.96
N LEU A 59 -11.66 9.95 13.45
CA LEU A 59 -10.75 9.08 14.23
C LEU A 59 -9.95 9.90 15.18
N HIS A 60 -9.60 9.30 16.33
CA HIS A 60 -8.66 9.91 17.21
C HIS A 60 -7.35 10.12 16.45
N VAL A 61 -6.70 11.24 16.70
CA VAL A 61 -5.52 11.55 15.92
C VAL A 61 -4.40 10.51 16.06
N ASP A 62 -4.30 9.78 17.18
CA ASP A 62 -3.31 8.73 17.22
C ASP A 62 -3.72 7.53 16.36
N ASP A 63 -5.01 7.31 16.20
CA ASP A 63 -5.49 6.19 15.38
C ASP A 63 -5.31 6.60 13.92
N GLN A 64 -5.45 7.88 13.64
CA GLN A 64 -5.17 8.42 12.30
C GLN A 64 -3.76 8.09 11.86
N MET A 65 -2.80 8.36 12.74
CA MET A 65 -1.40 8.14 12.44
C MET A 65 -1.10 6.67 12.33
N ALA A 66 -1.60 5.94 13.30
CA ALA A 66 -1.41 4.51 13.31
C ALA A 66 -1.97 3.78 12.07
N VAL A 67 -3.20 4.05 11.68
CA VAL A 67 -3.75 3.27 10.56
C VAL A 67 -2.95 3.53 9.28
N ILE A 68 -2.44 4.75 9.10
CA ILE A 68 -1.60 5.04 7.93
C ILE A 68 -0.30 4.26 7.88
N GLN A 69 0.37 4.31 9.01
CA GLN A 69 1.63 3.60 9.26
C GLN A 69 1.46 2.08 9.04
N TYR A 70 0.43 1.49 9.60
CA TYR A 70 0.25 0.05 9.41
C TYR A 70 -0.12 -0.34 7.98
N SER A 71 -0.93 0.52 7.36
CA SER A 71 -1.50 0.21 6.06
C SER A 71 -0.65 0.59 4.87
N TRP A 72 0.34 1.44 5.11
CA TRP A 72 1.13 2.04 4.05
C TRP A 72 1.59 1.00 2.95
N MET A 73 2.27 -0.07 3.36
CA MET A 73 2.74 -1.10 2.39
C MET A 73 1.65 -1.68 1.49
N GLY A 74 0.50 -2.09 2.05
CA GLY A 74 -0.58 -2.64 1.24
C GLY A 74 -1.17 -1.61 0.27
N LEU A 75 -1.30 -0.40 0.77
CA LEU A 75 -1.83 0.70 -0.08
C LEU A 75 -0.94 0.94 -1.28
N MET A 76 0.35 0.87 -1.07
CA MET A 76 1.35 1.06 -2.12
C MET A 76 1.29 -0.13 -3.10
N VAL A 77 1.23 -1.37 -2.54
CA VAL A 77 1.15 -2.58 -3.32
C VAL A 77 -0.06 -2.50 -4.21
N PHE A 78 -1.22 -2.16 -3.66
CA PHE A 78 -2.46 -2.07 -4.41
C PHE A 78 -2.39 -0.99 -5.52
N ALA A 79 -1.92 0.20 -5.19
CA ALA A 79 -1.82 1.27 -6.19
C ALA A 79 -0.83 0.93 -7.31
N MET A 80 0.22 0.20 -6.97
CA MET A 80 1.24 -0.13 -7.91
C MET A 80 0.69 -1.16 -8.86
N GLY A 81 -0.02 -2.17 -8.34
CA GLY A 81 -0.64 -3.16 -9.22
C GLY A 81 -1.55 -2.51 -10.21
N TRP A 82 -2.26 -1.49 -9.74
CA TRP A 82 -3.17 -0.78 -10.58
C TRP A 82 -2.44 -0.03 -11.66
N ARG A 83 -1.32 0.66 -11.30
CA ARG A 83 -0.49 1.41 -12.30
C ARG A 83 0.13 0.47 -13.31
N SER A 84 0.49 -0.70 -12.82
CA SER A 84 1.08 -1.70 -13.65
C SER A 84 0.05 -2.17 -14.68
N PHE A 85 -1.14 -2.39 -14.19
CA PHE A 85 -2.23 -2.85 -14.99
C PHE A 85 -2.53 -1.87 -16.07
N THR A 86 -2.73 -0.62 -15.68
CA THR A 86 -3.19 0.38 -16.58
C THR A 86 -2.13 1.00 -17.55
N ASN A 87 -0.84 0.93 -17.21
CA ASN A 87 0.24 1.48 -18.06
C ASN A 87 0.80 0.42 -18.95
N VAL A 88 1.01 -0.75 -18.39
CA VAL A 88 1.68 -1.78 -19.16
C VAL A 88 0.97 -3.12 -19.20
N ASN A 89 -0.33 -3.16 -18.91
CA ASN A 89 -1.09 -4.41 -18.81
CA ASN A 89 -1.12 -4.42 -18.80
C ASN A 89 -0.39 -5.52 -18.05
N SER A 90 0.19 -5.15 -16.93
CA SER A 90 0.81 -6.03 -16.03
C SER A 90 1.99 -6.78 -16.63
N ALA A 91 2.52 -6.30 -17.77
CA ALA A 91 3.69 -6.94 -18.37
C ALA A 91 4.92 -6.74 -17.49
N MET A 92 4.99 -5.57 -16.85
CA MET A 92 6.07 -5.27 -15.91
C MET A 92 5.51 -4.56 -14.68
N LEU A 93 6.35 -4.32 -13.68
CA LEU A 93 5.87 -3.68 -12.46
C LEU A 93 6.26 -2.19 -12.55
N TYR A 94 5.23 -1.36 -12.63
CA TYR A 94 5.36 0.09 -12.76
C TYR A 94 5.42 0.76 -11.38
N PHE A 95 6.54 0.56 -10.70
CA PHE A 95 6.76 1.25 -9.45
C PHE A 95 6.63 2.79 -9.62
N ALA A 96 7.27 3.31 -10.66
CA ALA A 96 7.22 4.75 -10.98
C ALA A 96 7.63 4.90 -12.43
N PRO A 97 7.42 6.07 -13.02
CA PRO A 97 7.77 6.24 -14.42
C PRO A 97 9.22 5.91 -14.66
N ASP A 98 10.07 6.21 -13.68
CA ASP A 98 11.48 6.02 -13.81
C ASP A 98 11.99 4.81 -13.05
N LEU A 99 11.09 3.87 -12.73
CA LEU A 99 11.46 2.64 -12.00
C LEU A 99 10.49 1.53 -12.35
N VAL A 100 10.60 1.10 -13.60
CA VAL A 100 9.74 0.08 -14.14
C VAL A 100 10.53 -1.19 -14.09
N PHE A 101 9.98 -2.22 -13.44
CA PHE A 101 10.70 -3.43 -13.20
C PHE A 101 10.38 -4.43 -14.31
N ASN A 102 11.41 -4.87 -15.02
CA ASN A 102 11.34 -6.10 -15.76
C ASN A 102 11.81 -7.30 -14.94
N GLU A 103 11.75 -8.49 -15.56
CA GLU A 103 12.25 -9.72 -14.90
C GLU A 103 13.66 -9.58 -14.45
N TYR A 104 14.46 -8.95 -15.30
CA TYR A 104 15.80 -8.78 -14.91
C TYR A 104 15.91 -8.01 -13.56
N ARG A 105 15.14 -6.93 -13.44
CA ARG A 105 15.21 -6.11 -12.20
C ARG A 105 14.55 -6.84 -11.04
N MET A 106 13.48 -7.53 -11.32
CA MET A 106 12.90 -8.42 -10.36
C MET A 106 13.94 -9.32 -9.75
N HIS A 107 14.82 -9.83 -10.58
CA HIS A 107 15.86 -10.73 -10.11
C HIS A 107 16.93 -9.99 -9.38
N LYS A 108 17.40 -8.89 -9.95
CA LYS A 108 18.52 -8.19 -9.33
C LYS A 108 18.19 -7.54 -7.99
N SER A 109 16.90 -7.23 -7.80
CA SER A 109 16.40 -6.61 -6.52
C SER A 109 16.32 -7.61 -5.36
N ARG A 110 16.41 -8.89 -5.72
CA ARG A 110 16.30 -10.02 -4.80
C ARG A 110 14.90 -10.07 -4.20
N MET A 111 13.92 -9.62 -4.99
CA MET A 111 12.52 -9.54 -4.60
C MET A 111 11.70 -10.26 -5.60
N TYR A 112 12.31 -11.21 -6.30
CA TYR A 112 11.57 -11.88 -7.39
C TYR A 112 10.31 -12.54 -6.91
N SER A 113 10.37 -13.30 -5.79
CA SER A 113 9.14 -14.00 -5.39
C SER A 113 8.05 -12.98 -5.08
N GLN A 114 8.43 -11.92 -4.37
CA GLN A 114 7.48 -10.89 -4.00
C GLN A 114 6.99 -10.23 -5.31
N CYS A 115 7.91 -9.86 -6.21
CA CYS A 115 7.46 -9.21 -7.44
C CYS A 115 6.51 -10.09 -8.25
N VAL A 116 6.75 -11.39 -8.23
CA VAL A 116 5.79 -12.30 -8.86
C VAL A 116 4.39 -12.23 -8.26
N ARG A 117 4.29 -12.30 -6.96
CA ARG A 117 2.97 -12.05 -6.33
C ARG A 117 2.34 -10.73 -6.85
N MET A 118 3.12 -9.66 -6.87
CA MET A 118 2.49 -8.35 -7.24
C MET A 118 2.04 -8.24 -8.68
N ARG A 119 2.84 -8.83 -9.59
CA ARG A 119 2.37 -8.94 -10.94
C ARG A 119 1.08 -9.77 -11.02
N HIS A 120 1.02 -10.89 -10.30
CA HIS A 120 -0.24 -11.69 -10.26
C HIS A 120 -1.36 -10.81 -9.73
N LEU A 121 -1.13 -10.05 -8.65
CA LEU A 121 -2.18 -9.07 -8.26
C LEU A 121 -2.57 -8.14 -9.38
N SER A 122 -1.58 -7.65 -10.12
CA SER A 122 -1.86 -6.68 -11.17
C SER A 122 -2.68 -7.34 -12.27
N GLN A 123 -2.34 -8.61 -12.59
CA GLN A 123 -3.12 -9.35 -13.62
C GLN A 123 -4.55 -9.47 -13.15
N GLU A 124 -4.75 -9.65 -11.82
CA GLU A 124 -6.12 -9.74 -11.32
C GLU A 124 -6.95 -8.50 -11.75
N PHE A 125 -6.36 -7.31 -11.81
CA PHE A 125 -7.17 -6.12 -12.14
C PHE A 125 -7.75 -6.24 -13.53
N GLY A 126 -7.05 -7.01 -14.38
CA GLY A 126 -7.50 -7.26 -15.74
C GLY A 126 -8.47 -8.41 -15.79
N TRP A 127 -8.11 -9.50 -15.15
CA TRP A 127 -8.96 -10.66 -15.12
C TRP A 127 -10.34 -10.34 -14.58
N LEU A 128 -10.47 -9.48 -13.56
CA LEU A 128 -11.80 -9.14 -13.00
C LEU A 128 -12.40 -7.90 -13.59
N GLN A 129 -11.74 -7.21 -14.52
CA GLN A 129 -12.35 -5.97 -15.13
C GLN A 129 -12.69 -4.89 -14.08
N ILE A 130 -11.75 -4.74 -13.13
CA ILE A 130 -11.91 -3.75 -12.07
C ILE A 130 -12.02 -2.40 -12.67
N THR A 131 -12.99 -1.65 -12.24
CA THR A 131 -13.12 -0.29 -12.73
C THR A 131 -12.35 0.71 -11.93
N PRO A 132 -12.01 1.88 -12.57
CA PRO A 132 -11.26 2.90 -11.81
C PRO A 132 -11.98 3.23 -10.51
N GLN A 133 -13.32 3.18 -10.50
CA GLN A 133 -14.07 3.62 -9.28
C GLN A 133 -14.06 2.54 -8.17
N GLU A 134 -14.02 1.29 -8.62
CA GLU A 134 -13.89 0.14 -7.74
C GLU A 134 -12.51 0.19 -7.13
N PHE A 135 -11.53 0.51 -7.95
CA PHE A 135 -10.18 0.63 -7.49
C PHE A 135 -10.14 1.66 -6.38
N LEU A 136 -10.66 2.84 -6.64
CA LEU A 136 -10.61 3.91 -5.68
C LEU A 136 -11.28 3.53 -4.33
N CYS A 137 -12.40 2.85 -4.38
CA CYS A 137 -13.14 2.47 -3.16
C CYS A 137 -12.42 1.44 -2.34
N MET A 138 -11.89 0.48 -3.07
CA MET A 138 -11.11 -0.60 -2.48
C MET A 138 -9.86 -0.07 -1.86
N LYS A 139 -9.18 0.88 -2.53
CA LYS A 139 -7.95 1.40 -1.95
C LYS A 139 -8.23 2.16 -0.61
N ALA A 140 -9.27 2.96 -0.60
CA ALA A 140 -9.72 3.64 0.63
C ALA A 140 -10.07 2.64 1.72
N LEU A 141 -10.76 1.58 1.39
CA LEU A 141 -11.04 0.56 2.40
C LEU A 141 -9.77 -0.12 2.96
N LEU A 142 -8.74 -0.29 2.14
CA LEU A 142 -7.50 -0.91 2.52
C LEU A 142 -6.90 -0.11 3.63
N LEU A 143 -7.11 1.21 3.64
CA LEU A 143 -6.56 1.99 4.72
C LEU A 143 -7.13 1.52 6.07
N PHE A 144 -8.36 1.07 6.06
CA PHE A 144 -8.99 0.67 7.31
C PHE A 144 -9.03 -0.86 7.44
N SER A 145 -7.98 -1.52 6.98
CA SER A 145 -8.01 -3.00 7.02
C SER A 145 -6.88 -3.65 7.82
N ILE A 146 -6.19 -2.91 8.67
CA ILE A 146 -5.15 -3.47 9.55
C ILE A 146 -5.04 -2.71 10.87
N ILE A 147 -5.21 -3.43 11.99
CA ILE A 147 -5.30 -2.80 13.32
C ILE A 147 -4.71 -3.72 14.43
N PRO A 148 -4.39 -3.12 15.55
CA PRO A 148 -3.84 -3.92 16.62
C PRO A 148 -4.87 -4.88 17.12
N VAL A 149 -4.40 -6.08 17.46
CA VAL A 149 -5.32 -7.10 18.00
C VAL A 149 -6.00 -6.61 19.28
N ASP A 150 -5.32 -5.77 20.05
CA ASP A 150 -5.86 -5.14 21.27
C ASP A 150 -6.66 -3.90 20.97
N GLY A 151 -6.97 -3.71 19.69
CA GLY A 151 -7.84 -2.64 19.25
C GLY A 151 -7.13 -1.31 19.16
N LEU A 152 -7.84 -0.30 18.68
CA LEU A 152 -7.28 1.03 18.53
C LEU A 152 -7.65 1.84 19.78
N LYS A 153 -7.12 3.07 19.86
CA LYS A 153 -7.46 4.03 20.94
C LYS A 153 -8.94 4.41 21.08
N ASN A 154 -9.60 4.75 20.00
CA ASN A 154 -11.06 4.81 20.02
C ASN A 154 -11.60 3.97 18.90
N GLN A 155 -11.71 2.69 19.18
CA GLN A 155 -12.12 1.68 18.23
C GLN A 155 -13.47 1.93 17.60
N LYS A 156 -14.42 2.42 18.39
CA LYS A 156 -15.78 2.58 17.89
C LYS A 156 -15.81 3.49 16.68
N PHE A 157 -15.03 4.56 16.70
CA PHE A 157 -15.02 5.49 15.54
C PHE A 157 -14.42 4.84 14.28
N PHE A 158 -13.40 4.04 14.49
CA PHE A 158 -12.87 3.23 13.42
C PHE A 158 -13.87 2.24 12.83
N ASP A 159 -14.60 1.55 13.71
CA ASP A 159 -15.52 0.46 13.29
C ASP A 159 -16.56 1.02 12.41
N GLU A 160 -17.04 2.19 12.80
CA GLU A 160 -18.02 2.95 12.06
C GLU A 160 -17.50 3.45 10.71
N LEU A 161 -16.29 3.99 10.70
CA LEU A 161 -15.67 4.39 9.44
C LEU A 161 -15.51 3.19 8.47
N ARG A 162 -15.01 2.09 8.97
CA ARG A 162 -14.75 0.94 8.14
C ARG A 162 -16.09 0.45 7.61
N MET A 163 -17.08 0.44 8.51
CA MET A 163 -18.39 0.03 8.14
C MET A 163 -18.90 0.83 6.94
N ASN A 164 -18.77 2.15 7.02
CA ASN A 164 -19.27 3.03 5.94
C ASN A 164 -18.48 2.89 4.62
N TYR A 165 -17.20 2.54 4.71
CA TYR A 165 -16.40 2.28 3.52
C TYR A 165 -16.78 0.97 2.86
N ILE A 166 -17.20 0.01 3.67
CA ILE A 166 -17.70 -1.27 3.07
C ILE A 166 -18.97 -1.00 2.34
N LYS A 167 -19.89 -0.29 2.98
CA LYS A 167 -21.14 0.02 2.35
C LYS A 167 -20.96 0.80 1.08
N GLU A 168 -19.96 1.71 1.02
CA GLU A 168 -19.73 2.50 -0.20
C GLU A 168 -19.22 1.58 -1.33
N LEU A 169 -18.42 0.55 -1.01
CA LEU A 169 -18.06 -0.48 -1.97
C LEU A 169 -19.31 -1.22 -2.55
N ASP A 170 -20.34 -1.41 -1.73
CA ASP A 170 -21.58 -2.12 -2.13
C ASP A 170 -22.34 -1.36 -3.14
N ARG A 171 -22.62 -0.11 -2.76
CA ARG A 171 -23.23 0.92 -3.57
C ARG A 171 -22.64 0.92 -4.99
N ILE A 172 -21.32 1.05 -5.07
CA ILE A 172 -20.63 1.11 -6.34
C ILE A 172 -20.79 -0.18 -7.10
N ILE A 173 -20.67 -1.31 -6.40
CA ILE A 173 -20.96 -2.58 -7.04
C ILE A 173 -22.37 -2.53 -7.65
N ALA A 174 -23.31 -1.94 -6.92
CA ALA A 174 -24.69 -1.84 -7.35
C ALA A 174 -24.87 -0.69 -8.32
N SER A 182 -25.12 -11.85 -8.46
CA SER A 182 -24.17 -11.10 -9.31
C SER A 182 -23.43 -10.03 -8.49
N CYS A 183 -24.14 -9.02 -7.97
CA CYS A 183 -23.64 -8.17 -6.86
C CYS A 183 -22.86 -8.99 -5.86
N SER A 184 -23.50 -10.05 -5.36
CA SER A 184 -22.90 -10.94 -4.37
C SER A 184 -21.70 -11.61 -4.96
N ARG A 185 -21.80 -11.89 -6.26
CA ARG A 185 -20.67 -12.45 -6.98
C ARG A 185 -19.52 -11.40 -7.05
N ARG A 186 -19.87 -10.16 -7.35
CA ARG A 186 -18.91 -9.06 -7.49
C ARG A 186 -18.23 -8.85 -6.11
N PHE A 187 -19.06 -8.76 -5.07
CA PHE A 187 -18.59 -8.45 -3.74
C PHE A 187 -17.72 -9.58 -3.28
N TYR A 188 -18.11 -10.83 -3.52
CA TYR A 188 -17.20 -11.91 -3.14
C TYR A 188 -15.81 -11.68 -3.73
N GLN A 189 -15.76 -11.38 -5.01
CA GLN A 189 -14.45 -11.39 -5.73
C GLN A 189 -13.56 -10.24 -5.30
N LEU A 190 -14.16 -9.07 -5.25
CA LEU A 190 -13.47 -7.84 -4.80
C LEU A 190 -12.98 -7.96 -3.36
N THR A 191 -13.85 -8.41 -2.43
CA THR A 191 -13.37 -8.78 -1.09
C THR A 191 -12.29 -9.84 -1.11
N LYS A 192 -12.34 -10.80 -2.04
CA LYS A 192 -11.23 -11.72 -2.14
C LYS A 192 -9.95 -10.99 -2.62
N LEU A 193 -10.07 -10.13 -3.57
CA LEU A 193 -8.89 -9.44 -4.13
C LEU A 193 -8.28 -8.59 -3.00
N LEU A 194 -9.14 -7.85 -2.30
CA LEU A 194 -8.65 -7.13 -1.11
C LEU A 194 -7.90 -7.98 -0.10
N ASP A 195 -8.43 -9.13 0.34
CA ASP A 195 -7.64 -10.07 1.19
C ASP A 195 -6.30 -10.48 0.59
N SER A 196 -6.25 -10.68 -0.71
CA SER A 196 -4.99 -11.09 -1.41
C SER A 196 -3.83 -10.07 -1.26
N VAL A 197 -4.17 -8.83 -0.94
CA VAL A 197 -3.14 -7.81 -0.73
C VAL A 197 -2.35 -8.11 0.49
N GLN A 198 -2.99 -8.62 1.54
CA GLN A 198 -2.33 -8.64 2.84
C GLN A 198 -1.15 -9.59 2.93
N PRO A 199 -1.26 -10.80 2.41
CA PRO A 199 -0.03 -11.60 2.48
C PRO A 199 1.13 -11.06 1.60
N ILE A 200 0.85 -10.35 0.51
CA ILE A 200 1.95 -9.68 -0.27
C ILE A 200 2.61 -8.65 0.58
N ALA A 201 1.75 -7.84 1.23
CA ALA A 201 2.21 -6.76 2.06
C ALA A 201 3.06 -7.36 3.17
N ARG A 202 2.61 -8.52 3.66
CA ARG A 202 3.38 -9.13 4.74
C ARG A 202 4.74 -9.61 4.24
N GLU A 203 4.80 -10.17 3.00
CA GLU A 203 6.12 -10.57 2.51
C GLU A 203 7.00 -9.33 2.28
N LEU A 204 6.37 -8.24 1.84
CA LEU A 204 7.11 -7.00 1.63
C LEU A 204 7.62 -6.46 2.96
N HIS A 205 6.76 -6.52 3.98
CA HIS A 205 7.21 -6.11 5.33
C HIS A 205 8.42 -6.85 5.80
N GLN A 206 8.36 -8.16 5.70
CA GLN A 206 9.51 -8.99 6.10
C GLN A 206 10.80 -8.64 5.38
N PHE A 207 10.67 -8.43 4.07
CA PHE A 207 11.84 -8.15 3.20
C PHE A 207 12.45 -6.83 3.57
N ALA A 208 11.57 -5.85 3.72
CA ALA A 208 11.98 -4.50 4.11
C ALA A 208 12.66 -4.51 5.48
N PHE A 209 12.06 -5.26 6.42
CA PHE A 209 12.67 -5.34 7.77
C PHE A 209 14.08 -5.98 7.74
N ASP A 210 14.18 -7.10 7.08
CA ASP A 210 15.48 -7.76 6.97
C ASP A 210 16.55 -6.89 6.31
N LEU A 211 16.12 -6.17 5.28
CA LEU A 211 17.01 -5.27 4.59
C LEU A 211 17.42 -4.13 5.50
N LEU A 212 16.50 -3.61 6.28
CA LEU A 212 16.91 -2.54 7.14
C LEU A 212 18.02 -3.08 8.07
N ILE A 213 17.84 -4.27 8.60
CA ILE A 213 18.74 -4.74 9.64
C ILE A 213 20.12 -5.02 9.04
N LYS A 214 20.17 -5.49 7.79
CA LYS A 214 21.44 -5.77 7.09
C LYS A 214 21.89 -4.69 6.14
N SER A 215 21.39 -3.47 6.29
CA SER A 215 21.54 -2.43 5.25
C SER A 215 22.92 -1.76 5.21
N HIS A 216 23.56 -1.58 6.36
CA HIS A 216 24.93 -1.08 6.36
C HIS A 216 25.83 -2.14 5.72
N MET A 217 25.46 -3.41 5.84
CA MET A 217 26.23 -4.51 5.27
C MET A 217 26.18 -4.51 3.74
N VAL A 218 25.10 -3.98 3.17
CA VAL A 218 24.86 -4.15 1.72
C VAL A 218 24.82 -2.80 0.98
N SER A 219 25.15 -1.74 1.71
CA SER A 219 25.25 -0.39 1.19
C SER A 219 23.90 0.09 0.66
N VAL A 220 22.80 -0.31 1.30
CA VAL A 220 21.46 0.19 0.96
C VAL A 220 21.08 1.32 1.91
N ASP A 221 20.77 2.49 1.34
CA ASP A 221 20.36 3.65 2.14
C ASP A 221 18.88 3.66 2.41
N PHE A 222 18.56 3.87 3.69
CA PHE A 222 17.20 4.07 4.14
C PHE A 222 16.98 5.50 4.51
N PRO A 223 15.95 6.12 3.92
CA PRO A 223 15.61 7.45 4.44
C PRO A 223 15.02 7.36 5.82
N GLU A 224 15.05 8.53 6.49
CA GLU A 224 14.45 8.77 7.80
C GLU A 224 13.14 8.06 8.16
N MET A 225 12.06 8.41 7.49
CA MET A 225 10.77 7.90 7.83
C MET A 225 10.71 6.39 7.66
N MET A 226 11.44 5.89 6.66
CA MET A 226 11.44 4.47 6.28
C MET A 226 12.11 3.68 7.40
N ALA A 227 13.26 4.14 7.88
CA ALA A 227 13.95 3.42 8.91
C ALA A 227 13.12 3.37 10.22
N GLU A 228 12.54 4.53 10.55
CA GLU A 228 11.67 4.65 11.72
C GLU A 228 10.49 3.74 11.62
N ILE A 229 9.71 3.82 10.53
CA ILE A 229 8.52 2.99 10.40
C ILE A 229 8.80 1.49 10.32
N ILE A 230 9.83 1.11 9.58
CA ILE A 230 10.19 -0.26 9.48
C ILE A 230 10.76 -0.85 10.82
N SER A 231 11.39 -0.02 11.65
CA SER A 231 11.94 -0.44 12.97
C SER A 231 10.96 -0.32 14.15
N VAL A 232 9.98 0.59 14.06
CA VAL A 232 9.06 0.88 15.17
C VAL A 232 7.70 0.30 14.91
N GLN A 233 7.20 0.41 13.67
CA GLN A 233 5.85 -0.02 13.42
C GLN A 233 5.73 -1.36 12.78
N VAL A 234 6.54 -1.60 11.79
CA VAL A 234 6.41 -2.88 11.05
C VAL A 234 6.61 -4.14 11.98
N PRO A 235 7.50 -4.05 12.98
CA PRO A 235 7.69 -5.24 13.88
C PRO A 235 6.45 -5.54 14.71
N LYS A 236 5.69 -4.51 15.04
CA LYS A 236 4.34 -4.80 15.57
C LYS A 236 3.54 -5.73 14.71
N ILE A 237 3.60 -5.54 13.40
CA ILE A 237 2.88 -6.40 12.53
C ILE A 237 3.54 -7.77 12.44
N LEU A 238 4.86 -7.81 12.28
CA LEU A 238 5.55 -9.07 12.06
C LEU A 238 5.55 -9.91 13.37
N SER A 239 5.47 -9.25 14.51
CA SER A 239 5.37 -9.96 15.80
C SER A 239 3.94 -10.36 16.10
N GLY A 240 2.99 -10.07 15.22
CA GLY A 240 1.61 -10.42 15.46
C GLY A 240 0.80 -9.54 16.40
N LYS A 241 1.32 -8.41 16.83
CA LYS A 241 0.49 -7.53 17.63
C LYS A 241 -0.56 -6.80 16.78
N VAL A 242 -0.26 -6.67 15.49
CA VAL A 242 -1.11 -5.94 14.55
C VAL A 242 -1.44 -6.85 13.38
N LYS A 243 -2.71 -6.99 13.06
CA LYS A 243 -3.07 -7.90 12.04
C LYS A 243 -4.06 -7.34 11.11
N PRO A 244 -4.10 -7.90 9.91
CA PRO A 244 -5.06 -7.48 8.93
C PRO A 244 -6.44 -7.96 9.34
N ILE A 245 -7.46 -7.23 8.87
CA ILE A 245 -8.84 -7.64 8.93
C ILE A 245 -9.12 -8.34 7.64
N TYR A 246 -9.50 -9.61 7.71
CA TYR A 246 -9.80 -10.36 6.52
C TYR A 246 -11.30 -10.48 6.38
N PHE A 247 -11.77 -10.42 5.15
CA PHE A 247 -13.13 -10.67 4.84
C PHE A 247 -13.41 -12.19 4.95
N HIS A 248 -12.53 -13.00 4.36
CA HIS A 248 -12.67 -14.45 4.27
C HIS A 248 -11.60 -15.05 5.13
N THR A 249 -11.81 -16.26 5.64
CA THR A 249 -10.67 -16.86 6.36
C THR A 249 -9.92 -17.64 5.23
N GLN A 250 -8.59 -17.78 5.20
CA GLN A 250 -7.60 -17.25 6.16
C GLN A 250 -7.68 -17.87 7.56
N GLY B 2 9.00 11.50 16.42
CA GLY B 2 9.88 11.00 15.36
C GLY B 2 9.47 11.58 14.03
N ALA B 3 10.06 11.07 12.95
CA ALA B 3 9.90 11.67 11.62
C ALA B 3 8.45 11.59 11.10
N PHE B 4 7.78 10.49 11.31
CA PHE B 4 6.43 10.37 10.76
C PHE B 4 5.46 11.37 11.41
N GLN B 5 5.44 11.43 12.73
CA GLN B 5 4.56 12.39 13.38
C GLN B 5 4.83 13.81 12.90
N ASN B 6 6.10 14.17 12.76
CA ASN B 6 6.47 15.47 12.19
C ASN B 6 5.89 15.66 10.77
N LEU B 7 5.95 14.62 9.94
CA LEU B 7 5.40 14.74 8.58
C LEU B 7 3.89 14.93 8.73
N PHE B 8 3.27 14.07 9.53
CA PHE B 8 1.84 14.07 9.69
C PHE B 8 1.36 15.45 10.14
N GLN B 9 2.12 16.04 11.05
CA GLN B 9 1.87 17.38 11.57
C GLN B 9 1.82 18.51 10.54
N SER B 10 2.62 18.45 9.47
CA SER B 10 2.33 19.29 8.27
C SER B 10 1.05 18.73 7.58
#